data_6IQ1
#
_entry.id   6IQ1
#
_cell.length_a   40.354
_cell.length_b   101.907
_cell.length_c   175.175
_cell.angle_alpha   90.00
_cell.angle_beta   90.00
_cell.angle_gamma   90.00
#
_symmetry.space_group_name_H-M   'P 2 21 21'
#
loop_
_entity.id
_entity.type
_entity.pdbx_description
1 polymer "Adenosine 5'-monophosphoramidase"
2 non-polymer 'ZINC ION'
3 water water
#
_entity_poly.entity_id   1
_entity_poly.type   'polypeptide(L)'
_entity_poly.pdbx_seq_one_letter_code
;MASHASCIFCKIIKGEIPSFKLIETAKTYSFLDIQPIAEAHVLIIPKHHGAKLHNIPDDYLSDILPVVKKLTKVLKLDEN
NTPEGEGYNVLQNNGRIAHQVVDHVHFHLIPKKDEATGLGVGWPAEATDFDKLGKLHEKLKEELAKVDEEKLLEHHHHHH
;
_entity_poly.pdbx_strand_id   A,B,C,D
#
# COMPACT_ATOMS: atom_id res chain seq x y z
N SER A 6 -5.50 -4.92 -12.24
CA SER A 6 -4.83 -4.82 -13.55
C SER A 6 -3.87 -3.64 -13.64
N CYS A 7 -3.91 -2.73 -12.68
CA CYS A 7 -3.18 -1.46 -12.76
C CYS A 7 -1.68 -1.71 -12.78
N ILE A 8 -1.00 -1.21 -13.82
CA ILE A 8 0.43 -1.52 -13.91
C ILE A 8 1.23 -0.79 -12.84
N PHE A 9 0.75 0.36 -12.36
CA PHE A 9 1.57 1.04 -11.35
C PHE A 9 1.50 0.31 -10.02
N CYS A 10 0.30 -0.15 -9.63
CA CYS A 10 0.15 -1.03 -8.48
C CYS A 10 1.02 -2.27 -8.59
N LYS A 11 1.21 -2.78 -9.82
CA LYS A 11 2.07 -3.93 -10.01
C LYS A 11 3.54 -3.56 -9.84
N ILE A 12 3.89 -2.34 -10.26
CA ILE A 12 5.24 -1.85 -10.00
C ILE A 12 5.49 -1.78 -8.49
N ILE A 13 4.52 -1.21 -7.76
CA ILE A 13 4.66 -1.09 -6.31
C ILE A 13 4.82 -2.47 -5.68
N LYS A 14 4.03 -3.45 -6.12
CA LYS A 14 4.04 -4.78 -5.55
C LYS A 14 5.21 -5.65 -6.03
N GLY A 15 6.14 -5.10 -6.80
CA GLY A 15 7.25 -5.89 -7.31
C GLY A 15 6.90 -6.94 -8.34
N GLU A 16 5.72 -6.86 -8.97
CA GLU A 16 5.35 -7.84 -9.98
C GLU A 16 5.72 -7.41 -11.40
N ILE A 17 5.93 -6.12 -11.62
CA ILE A 17 6.61 -5.60 -12.79
C ILE A 17 7.87 -4.90 -12.30
N PRO A 18 9.04 -5.14 -12.89
CA PRO A 18 10.24 -4.47 -12.41
C PRO A 18 10.20 -2.97 -12.69
N SER A 19 11.03 -2.24 -11.95
CA SER A 19 11.13 -0.80 -12.16
C SER A 19 12.49 -0.34 -11.69
N PHE A 20 12.94 0.77 -12.27
CA PHE A 20 14.20 1.38 -11.87
C PHE A 20 13.85 2.30 -10.69
N LYS A 21 13.81 1.70 -9.51
CA LYS A 21 13.30 2.37 -8.33
C LYS A 21 14.30 3.42 -7.83
N LEU A 22 13.78 4.56 -7.40
CA LEU A 22 14.60 5.65 -6.90
C LEU A 22 14.31 5.84 -5.43
N ILE A 23 13.50 6.84 -5.05
CA ILE A 23 13.11 7.06 -3.67
C ILE A 23 11.81 6.30 -3.40
N GLU A 24 11.79 5.50 -2.33
CA GLU A 24 10.58 4.87 -1.85
C GLU A 24 10.34 5.25 -0.40
N THR A 25 9.09 5.50 -0.07
CA THR A 25 8.63 6.00 1.24
C THR A 25 7.55 5.04 1.76
N ALA A 26 7.22 5.14 3.05
CA ALA A 26 6.07 4.39 3.54
C ALA A 26 4.80 4.72 2.77
N LYS A 27 4.74 5.88 2.11
CA LYS A 27 3.57 6.30 1.35
C LYS A 27 3.80 6.44 -0.15
N THR A 28 5.05 6.65 -0.60
CA THR A 28 5.30 7.12 -1.96
C THR A 28 6.35 6.25 -2.61
N TYR A 29 6.23 6.10 -3.94
CA TYR A 29 7.11 5.26 -4.76
C TYR A 29 7.53 6.02 -6.01
N SER A 30 8.83 6.03 -6.30
CA SER A 30 9.31 6.76 -7.47
C SER A 30 10.28 5.90 -8.28
N PHE A 31 10.30 6.13 -9.59
CA PHE A 31 11.11 5.32 -10.48
C PHE A 31 11.27 6.04 -11.83
N LEU A 32 12.32 5.63 -12.55
CA LEU A 32 12.58 6.18 -13.88
C LEU A 32 11.43 5.84 -14.84
N ASP A 33 11.04 6.83 -15.62
CA ASP A 33 10.10 6.60 -16.71
C ASP A 33 10.82 5.84 -17.82
N ILE A 34 10.32 4.66 -18.18
CA ILE A 34 10.98 3.88 -19.23
C ILE A 34 10.52 4.31 -20.61
N GLN A 35 9.58 5.26 -20.70
CA GLN A 35 9.29 5.98 -21.94
C GLN A 35 9.49 7.46 -21.68
N PRO A 36 10.74 7.87 -21.43
CA PRO A 36 10.99 9.27 -21.04
C PRO A 36 10.85 10.24 -22.20
N ILE A 37 10.62 11.50 -21.85
CA ILE A 37 10.73 12.59 -22.80
C ILE A 37 11.89 13.51 -22.47
N ALA A 38 12.74 13.10 -21.53
CA ALA A 38 13.96 13.82 -21.16
C ALA A 38 14.83 12.83 -20.41
N GLU A 39 16.10 13.17 -20.27
CA GLU A 39 17.10 12.18 -19.82
C GLU A 39 16.71 11.51 -18.50
N ALA A 40 16.55 12.27 -17.43
CA ALA A 40 16.24 11.58 -16.16
C ALA A 40 14.77 11.76 -15.75
N HIS A 41 13.87 11.44 -16.70
CA HIS A 41 12.43 11.59 -16.47
C HIS A 41 11.97 10.62 -15.38
N VAL A 42 11.45 11.17 -14.27
CA VAL A 42 11.07 10.38 -13.10
C VAL A 42 9.55 10.43 -12.93
N LEU A 43 8.99 9.31 -12.45
CA LEU A 43 7.59 9.26 -12.01
C LEU A 43 7.53 9.11 -10.49
N ILE A 44 6.55 9.78 -9.87
CA ILE A 44 6.34 9.74 -8.43
C ILE A 44 4.86 9.44 -8.17
N ILE A 45 4.58 8.34 -7.51
CA ILE A 45 3.19 7.93 -7.34
C ILE A 45 2.88 7.66 -5.87
N PRO A 46 1.68 7.94 -5.40
CA PRO A 46 1.29 7.49 -4.07
C PRO A 46 0.98 6.01 -4.12
N LYS A 47 1.16 5.35 -2.97
CA LYS A 47 0.90 3.92 -2.97
C LYS A 47 -0.57 3.61 -2.94
N HIS A 48 -1.39 4.58 -2.54
CA HIS A 48 -2.83 4.47 -2.58
C HIS A 48 -3.31 4.63 -4.01
N HIS A 49 -3.91 3.58 -4.56
CA HIS A 49 -4.42 3.62 -5.93
C HIS A 49 -5.65 4.52 -6.01
N GLY A 50 -5.54 5.59 -6.80
CA GLY A 50 -6.65 6.42 -7.19
C GLY A 50 -6.37 6.99 -8.55
N ALA A 51 -7.37 7.09 -9.43
CA ALA A 51 -7.11 7.47 -10.82
C ALA A 51 -6.74 8.95 -10.95
N LYS A 52 -7.45 9.82 -10.25
CA LYS A 52 -7.22 11.23 -10.40
C LYS A 52 -6.79 11.82 -9.06
N LEU A 53 -6.35 13.10 -9.11
CA LEU A 53 -5.82 13.76 -7.92
C LEU A 53 -6.83 13.77 -6.80
N HIS A 54 -8.08 14.10 -7.12
CA HIS A 54 -9.09 14.16 -6.09
C HIS A 54 -9.46 12.79 -5.52
N ASN A 55 -8.94 11.69 -6.07
CA ASN A 55 -9.13 10.38 -5.48
C ASN A 55 -8.06 10.02 -4.46
N ILE A 56 -7.09 10.88 -4.20
CA ILE A 56 -5.98 10.56 -3.28
C ILE A 56 -6.26 11.18 -1.92
N PRO A 57 -6.13 10.41 -0.83
CA PRO A 57 -6.27 11.01 0.50
C PRO A 57 -5.21 12.08 0.75
N ASP A 58 -5.54 13.02 1.65
CA ASP A 58 -4.63 14.13 1.93
C ASP A 58 -3.29 13.66 2.47
N ASP A 59 -3.28 12.66 3.35
CA ASP A 59 -2.00 12.25 3.91
C ASP A 59 -1.10 11.63 2.85
N TYR A 60 -1.65 11.08 1.77
CA TYR A 60 -0.78 10.68 0.67
C TYR A 60 -0.33 11.90 -0.13
N LEU A 61 -1.22 12.90 -0.28
CA LEU A 61 -0.88 14.06 -1.10
C LEU A 61 0.21 14.90 -0.48
N SER A 62 0.23 15.00 0.86
CA SER A 62 1.27 15.79 1.52
C SER A 62 2.66 15.20 1.30
N ASP A 63 2.75 13.90 1.03
CA ASP A 63 4.05 13.26 0.93
C ASP A 63 4.70 13.43 -0.44
N ILE A 64 3.95 13.86 -1.46
CA ILE A 64 4.46 13.77 -2.82
C ILE A 64 5.50 14.85 -3.11
N LEU A 65 5.16 16.13 -2.89
CA LEU A 65 6.13 17.16 -3.22
C LEU A 65 7.42 17.09 -2.41
N PRO A 66 7.42 16.77 -1.10
CA PRO A 66 8.72 16.56 -0.43
C PRO A 66 9.56 15.51 -1.14
N VAL A 67 8.95 14.41 -1.59
CA VAL A 67 9.70 13.40 -2.35
C VAL A 67 10.18 13.97 -3.68
N VAL A 68 9.31 14.72 -4.39
CA VAL A 68 9.74 15.33 -5.64
C VAL A 68 10.91 16.26 -5.39
N LYS A 69 10.84 17.07 -4.34
CA LYS A 69 11.92 18.04 -4.08
C LYS A 69 13.22 17.32 -3.75
N LYS A 70 13.14 16.23 -2.99
CA LYS A 70 14.32 15.43 -2.71
C LYS A 70 14.89 14.82 -4.00
N LEU A 71 14.02 14.37 -4.91
CA LEU A 71 14.51 13.89 -6.20
C LEU A 71 15.27 14.97 -6.96
N THR A 72 14.89 16.26 -6.82
CA THR A 72 15.66 17.30 -7.52
C THR A 72 17.07 17.43 -6.96
N LYS A 73 17.27 17.14 -5.68
CA LYS A 73 18.63 17.01 -5.15
C LYS A 73 19.33 15.83 -5.79
N VAL A 74 18.61 14.71 -5.98
CA VAL A 74 19.23 13.51 -6.52
C VAL A 74 19.67 13.74 -7.96
N LEU A 75 18.82 14.40 -8.74
CA LEU A 75 19.12 14.71 -10.13
C LEU A 75 20.02 15.93 -10.29
N LYS A 76 20.43 16.57 -9.19
CA LYS A 76 21.25 17.77 -9.13
C LYS A 76 20.59 18.99 -9.80
N LEU A 77 19.31 18.91 -10.13
CA LEU A 77 18.61 20.10 -10.62
C LEU A 77 18.59 21.22 -9.62
N ASP A 78 18.90 20.95 -8.35
CA ASP A 78 18.81 21.93 -7.27
C ASP A 78 20.05 22.82 -7.17
N GLU A 79 21.06 22.59 -8.02
CA GLU A 79 22.27 23.40 -8.01
C GLU A 79 22.14 24.69 -8.81
N ASN A 80 21.01 24.89 -9.49
CA ASN A 80 20.79 26.06 -10.33
C ASN A 80 19.70 26.89 -9.66
N ASN A 81 20.11 27.92 -8.93
CA ASN A 81 19.21 28.84 -8.25
C ASN A 81 19.11 30.17 -8.97
N THR A 82 18.98 30.10 -10.29
CA THR A 82 18.76 31.24 -11.17
C THR A 82 17.67 30.87 -12.17
N PRO A 83 16.92 31.84 -12.66
CA PRO A 83 15.89 31.51 -13.66
C PRO A 83 16.45 31.07 -15.01
N GLU A 84 17.76 31.20 -15.23
CA GLU A 84 18.36 30.84 -16.52
C GLU A 84 18.91 29.42 -16.50
N GLY A 85 19.53 29.03 -17.60
CA GLY A 85 20.11 27.72 -17.66
C GLY A 85 19.05 26.63 -17.74
N GLU A 86 19.43 25.45 -17.28
CA GLU A 86 18.53 24.31 -17.30
C GLU A 86 17.45 24.45 -16.24
N GLY A 87 16.26 23.91 -16.55
CA GLY A 87 15.14 23.95 -15.64
C GLY A 87 14.40 22.63 -15.57
N TYR A 88 13.16 22.64 -15.09
CA TYR A 88 12.41 21.40 -15.01
C TYR A 88 10.95 21.70 -14.76
N ASN A 89 10.12 20.73 -15.09
CA ASN A 89 8.68 20.84 -14.89
C ASN A 89 8.19 19.73 -13.97
N VAL A 90 7.13 20.03 -13.25
CA VAL A 90 6.36 19.04 -12.50
C VAL A 90 4.96 19.06 -13.08
N LEU A 91 4.47 17.89 -13.46
CA LEU A 91 3.21 17.79 -14.19
C LEU A 91 2.46 16.57 -13.72
N GLN A 92 1.15 16.73 -13.54
CA GLN A 92 0.26 15.64 -13.19
C GLN A 92 -0.99 15.77 -14.05
N ASN A 93 -1.45 14.66 -14.62
CA ASN A 93 -2.52 14.65 -15.60
C ASN A 93 -3.73 13.87 -15.10
N ASN A 94 -4.92 14.35 -15.47
CA ASN A 94 -6.18 13.81 -14.96
C ASN A 94 -7.13 13.71 -16.15
N GLY A 95 -7.28 12.52 -16.68
CA GLY A 95 -8.17 12.20 -17.77
C GLY A 95 -7.45 12.07 -19.08
N ARG A 96 -8.04 11.29 -20.00
CA ARG A 96 -7.47 11.11 -21.32
C ARG A 96 -7.21 12.45 -22.00
N ILE A 97 -8.23 13.34 -21.99
CA ILE A 97 -8.10 14.58 -22.74
C ILE A 97 -6.98 15.45 -22.17
N ALA A 98 -6.65 15.26 -20.89
CA ALA A 98 -5.54 15.95 -20.26
C ALA A 98 -4.22 15.17 -20.32
N HIS A 99 -4.16 14.08 -21.13
CA HIS A 99 -2.93 13.38 -21.50
C HIS A 99 -2.53 12.30 -20.49
N GLN A 100 -3.48 11.84 -19.69
CA GLN A 100 -3.26 10.73 -18.77
C GLN A 100 -3.66 9.41 -19.44
N VAL A 101 -2.78 8.42 -19.37
CA VAL A 101 -3.04 7.10 -19.95
C VAL A 101 -3.15 6.04 -18.88
N VAL A 102 -2.23 6.03 -17.91
CA VAL A 102 -2.27 5.08 -16.80
C VAL A 102 -3.13 5.67 -15.69
N ASP A 103 -4.20 4.97 -15.33
CA ASP A 103 -5.26 5.52 -14.47
C ASP A 103 -4.96 5.36 -12.99
N HIS A 104 -3.78 5.86 -12.62
CA HIS A 104 -3.26 5.87 -11.26
C HIS A 104 -2.42 7.13 -11.15
N VAL A 105 -2.68 7.95 -10.13
CA VAL A 105 -2.10 9.28 -10.10
C VAL A 105 -0.59 9.17 -10.19
N HIS A 106 0.02 9.94 -11.09
CA HIS A 106 1.47 9.99 -11.10
C HIS A 106 1.98 11.37 -11.52
N PHE A 107 2.92 11.90 -10.75
CA PHE A 107 3.57 13.16 -11.05
C PHE A 107 4.83 12.91 -11.88
N HIS A 108 4.98 13.66 -12.97
CA HIS A 108 6.20 13.66 -13.76
C HIS A 108 7.15 14.75 -13.25
N LEU A 109 8.38 14.36 -12.92
CA LEU A 109 9.49 15.29 -12.76
C LEU A 109 10.35 15.25 -14.04
N ILE A 110 10.26 16.31 -14.85
CA ILE A 110 10.86 16.28 -16.18
C ILE A 110 11.93 17.37 -16.30
N PRO A 111 13.21 17.02 -16.36
CA PRO A 111 14.23 18.04 -16.61
C PRO A 111 14.00 18.73 -17.94
N LYS A 112 14.25 20.03 -17.98
CA LYS A 112 14.16 20.82 -19.22
C LYS A 112 15.54 21.38 -19.56
N LYS A 113 16.25 20.70 -20.46
CA LYS A 113 17.63 21.04 -20.78
C LYS A 113 17.75 21.91 -22.01
N ASP A 114 16.77 21.82 -22.91
CA ASP A 114 16.74 22.57 -24.16
C ASP A 114 15.30 22.56 -24.66
N GLU A 115 15.07 23.09 -25.86
CA GLU A 115 13.72 23.14 -26.36
C GLU A 115 13.27 21.88 -27.07
N ALA A 116 14.21 21.08 -27.59
CA ALA A 116 13.82 19.88 -28.32
C ALA A 116 13.31 18.78 -27.39
N THR A 117 13.68 18.80 -26.10
CA THR A 117 13.41 17.72 -25.18
C THR A 117 12.62 18.25 -23.98
N GLY A 118 12.23 17.32 -23.09
CA GLY A 118 11.41 17.67 -21.94
C GLY A 118 10.03 18.15 -22.36
N LEU A 119 9.33 18.75 -21.41
CA LEU A 119 7.95 19.17 -21.66
C LEU A 119 7.91 20.35 -22.63
N GLY A 120 6.92 20.31 -23.53
CA GLY A 120 6.64 21.43 -24.41
C GLY A 120 5.29 22.02 -24.03
N VAL A 121 5.27 23.32 -23.73
CA VAL A 121 4.13 23.92 -23.05
C VAL A 121 3.35 24.77 -24.04
N GLY A 122 2.17 24.30 -24.42
CA GLY A 122 1.21 25.08 -25.17
C GLY A 122 0.36 25.91 -24.23
N TRP A 123 0.37 27.24 -24.41
CA TRP A 123 -0.12 28.20 -23.41
C TRP A 123 -1.09 29.20 -24.04
N PRO A 124 -2.33 28.79 -24.31
CA PRO A 124 -3.30 29.66 -25.02
C PRO A 124 -4.03 30.66 -24.13
N ALA A 125 -3.31 31.69 -23.69
CA ALA A 125 -3.84 32.64 -22.70
C ALA A 125 -4.76 33.68 -23.33
N GLU A 126 -5.81 34.02 -22.59
CA GLU A 126 -6.81 35.02 -22.98
C GLU A 126 -6.58 36.31 -22.19
N ALA A 127 -7.12 37.41 -22.72
CA ALA A 127 -6.93 38.70 -22.10
C ALA A 127 -7.63 38.77 -20.74
N THR A 128 -7.14 39.65 -19.89
CA THR A 128 -7.80 39.92 -18.62
C THR A 128 -9.13 40.63 -18.85
N ASP A 129 -10.21 40.07 -18.27
CA ASP A 129 -11.58 40.59 -18.36
C ASP A 129 -12.18 40.51 -16.95
N PHE A 130 -12.10 41.63 -16.21
CA PHE A 130 -12.50 41.67 -14.80
C PHE A 130 -13.98 41.34 -14.61
N ASP A 131 -14.80 41.63 -15.61
CA ASP A 131 -16.21 41.31 -15.47
C ASP A 131 -16.43 39.80 -15.43
N LYS A 132 -15.79 39.05 -16.35
CA LYS A 132 -15.95 37.61 -16.36
C LYS A 132 -15.25 36.95 -15.18
N LEU A 133 -14.05 37.44 -14.81
CA LEU A 133 -13.39 36.95 -13.61
C LEU A 133 -14.22 37.23 -12.37
N GLY A 134 -14.84 38.42 -12.30
CA GLY A 134 -15.66 38.74 -11.14
C GLY A 134 -16.84 37.80 -10.98
N LYS A 135 -17.56 37.56 -12.08
CA LYS A 135 -18.66 36.59 -12.04
C LYS A 135 -18.16 35.20 -11.72
N LEU A 136 -16.98 34.83 -12.22
CA LEU A 136 -16.46 33.49 -11.93
C LEU A 136 -16.03 33.40 -10.48
N HIS A 137 -15.42 34.47 -9.94
CA HIS A 137 -15.02 34.48 -8.54
C HIS A 137 -16.22 34.40 -7.62
N GLU A 138 -17.30 35.10 -7.96
CA GLU A 138 -18.51 35.04 -7.15
C GLU A 138 -19.08 33.63 -7.10
N LYS A 139 -19.15 32.96 -8.25
CA LYS A 139 -19.66 31.60 -8.30
C LYS A 139 -18.76 30.62 -7.56
N LEU A 140 -17.44 30.78 -7.70
CA LEU A 140 -16.52 29.84 -7.04
C LEU A 140 -16.51 30.05 -5.55
N LYS A 141 -16.59 31.32 -5.08
CA LYS A 141 -16.66 31.57 -3.66
C LYS A 141 -17.94 31.00 -3.06
N GLU A 142 -19.01 30.92 -3.87
CA GLU A 142 -20.24 30.33 -3.40
C GLU A 142 -20.11 28.81 -3.26
N GLU A 143 -19.45 28.18 -4.22
CA GLU A 143 -19.19 26.75 -4.10
C GLU A 143 -18.23 26.46 -2.97
N LEU A 144 -17.25 27.34 -2.73
CA LEU A 144 -16.35 27.16 -1.61
C LEU A 144 -17.10 27.21 -0.28
N ALA A 145 -18.00 28.19 -0.13
CA ALA A 145 -18.75 28.33 1.11
C ALA A 145 -19.51 27.06 1.45
N LYS A 146 -19.98 26.33 0.44
CA LYS A 146 -20.73 25.12 0.70
C LYS A 146 -19.86 23.88 0.82
N VAL A 147 -18.64 23.89 0.29
CA VAL A 147 -17.69 22.83 0.64
C VAL A 147 -17.35 22.89 2.12
N ASP A 148 -17.34 24.10 2.69
CA ASP A 148 -17.15 24.30 4.12
C ASP A 148 -18.49 24.26 4.89
N HIS B 4 -11.49 3.59 5.65
CA HIS B 4 -10.72 2.83 6.63
C HIS B 4 -9.44 3.57 7.03
N ALA B 5 -9.52 4.89 7.14
CA ALA B 5 -8.35 5.69 7.50
C ALA B 5 -8.06 5.70 9.01
N SER B 6 -8.96 5.18 9.84
CA SER B 6 -8.70 5.08 11.26
C SER B 6 -7.99 3.78 11.65
N CYS B 7 -7.63 2.94 10.67
CA CYS B 7 -7.07 1.63 10.94
C CYS B 7 -5.65 1.76 11.48
N ILE B 8 -5.42 1.19 12.68
CA ILE B 8 -4.15 1.31 13.36
C ILE B 8 -3.04 0.62 12.56
N PHE B 9 -3.38 -0.49 11.90
CA PHE B 9 -2.31 -1.19 11.20
C PHE B 9 -1.94 -0.46 9.91
N CYS B 10 -2.94 0.10 9.22
CA CYS B 10 -2.66 0.96 8.06
C CYS B 10 -1.81 2.15 8.47
N LYS B 11 -2.02 2.67 9.69
CA LYS B 11 -1.22 3.78 10.17
C LYS B 11 0.21 3.32 10.46
N ILE B 12 0.36 2.08 10.96
CA ILE B 12 1.68 1.51 11.14
C ILE B 12 2.41 1.38 9.80
N ILE B 13 1.70 0.86 8.78
CA ILE B 13 2.27 0.76 7.44
C ILE B 13 2.69 2.13 6.91
N LYS B 14 1.82 3.13 7.04
CA LYS B 14 2.11 4.46 6.53
C LYS B 14 3.10 5.23 7.40
N GLY B 15 3.65 4.61 8.45
CA GLY B 15 4.62 5.29 9.28
C GLY B 15 4.06 6.38 10.16
N GLU B 16 2.76 6.39 10.42
CA GLU B 16 2.17 7.44 11.24
C GLU B 16 2.08 7.05 12.71
N ILE B 17 2.12 5.76 12.99
CA ILE B 17 2.36 5.23 14.32
C ILE B 17 3.66 4.44 14.25
N PRO B 18 4.62 4.65 15.15
CA PRO B 18 5.88 3.90 15.07
C PRO B 18 5.65 2.42 15.29
N SER B 19 6.64 1.63 14.90
CA SER B 19 6.55 0.20 15.07
C SER B 19 7.95 -0.39 15.11
N PHE B 20 8.07 -1.56 15.72
CA PHE B 20 9.34 -2.27 15.76
C PHE B 20 9.42 -3.12 14.50
N LYS B 21 9.79 -2.49 13.40
CA LYS B 21 9.71 -3.15 12.11
C LYS B 21 10.71 -4.29 12.04
N LEU B 22 10.30 -5.38 11.41
CA LEU B 22 11.15 -6.54 11.18
C LEU B 22 11.30 -6.73 9.70
N ILE B 23 10.65 -7.71 9.10
CA ILE B 23 10.73 -7.95 7.67
C ILE B 23 9.65 -7.14 6.98
N GLU B 24 10.04 -6.34 5.99
CA GLU B 24 9.10 -5.64 5.15
C GLU B 24 9.31 -6.03 3.70
N THR B 25 8.21 -6.31 3.01
CA THR B 25 8.21 -6.75 1.62
C THR B 25 7.40 -5.76 0.78
N ALA B 26 7.43 -5.88 -0.55
CA ALA B 26 6.57 -5.05 -1.38
C ALA B 26 5.10 -5.26 -1.09
N LYS B 27 4.74 -6.40 -0.48
CA LYS B 27 3.35 -6.73 -0.19
C LYS B 27 3.04 -6.85 1.30
N THR B 28 4.01 -7.21 2.13
CA THR B 28 3.77 -7.63 3.49
C THR B 28 4.60 -6.79 4.46
N TYR B 29 4.08 -6.65 5.69
CA TYR B 29 4.69 -5.85 6.74
C TYR B 29 4.67 -6.62 8.06
N SER B 30 5.81 -6.71 8.73
CA SER B 30 5.91 -7.48 9.96
C SER B 30 6.57 -6.64 11.05
N PHE B 31 6.15 -6.86 12.29
CA PHE B 31 6.67 -6.09 13.42
C PHE B 31 6.30 -6.76 14.74
N LEU B 32 7.09 -6.45 15.77
CA LEU B 32 6.85 -6.98 17.11
C LEU B 32 5.50 -6.52 17.65
N ASP B 33 4.77 -7.47 18.22
CA ASP B 33 3.57 -7.15 18.96
C ASP B 33 3.96 -6.45 20.25
N ILE B 34 3.50 -5.21 20.44
CA ILE B 34 3.79 -4.48 21.68
C ILE B 34 2.84 -4.85 22.82
N GLN B 35 1.88 -5.73 22.58
CA GLN B 35 1.07 -6.37 23.61
C GLN B 35 1.25 -7.88 23.46
N PRO B 36 2.45 -8.38 23.70
CA PRO B 36 2.74 -9.79 23.36
C PRO B 36 2.21 -10.78 24.41
N ILE B 37 2.04 -12.02 23.95
CA ILE B 37 1.77 -13.13 24.87
C ILE B 37 2.95 -14.09 24.93
N ALA B 38 4.07 -13.74 24.32
CA ALA B 38 5.30 -14.51 24.38
C ALA B 38 6.42 -13.56 24.01
N GLU B 39 7.67 -14.02 24.23
CA GLU B 39 8.81 -13.11 24.12
C GLU B 39 8.91 -12.45 22.74
N ALA B 40 9.02 -13.25 21.68
CA ALA B 40 9.14 -12.56 20.40
C ALA B 40 7.87 -12.74 19.58
N HIS B 41 6.76 -12.28 20.13
CA HIS B 41 5.47 -12.37 19.45
C HIS B 41 5.46 -11.40 18.27
N VAL B 42 5.23 -11.90 17.05
CA VAL B 42 5.33 -11.10 15.83
C VAL B 42 4.01 -11.07 15.09
N LEU B 43 3.66 -9.91 14.55
CA LEU B 43 2.51 -9.74 13.68
C LEU B 43 2.97 -9.61 12.23
N ILE B 44 2.22 -10.23 11.34
CA ILE B 44 2.56 -10.26 9.92
C ILE B 44 1.29 -9.85 9.19
N ILE B 45 1.36 -8.76 8.43
CA ILE B 45 0.15 -8.20 7.83
C ILE B 45 0.35 -7.93 6.35
N PRO B 46 -0.67 -8.18 5.53
CA PRO B 46 -0.63 -7.70 4.16
C PRO B 46 -0.81 -6.18 4.13
N LYS B 47 -0.20 -5.53 3.14
CA LYS B 47 -0.34 -4.08 3.05
C LYS B 47 -1.71 -3.68 2.51
N HIS B 48 -2.44 -4.62 1.90
CA HIS B 48 -3.80 -4.41 1.43
C HIS B 48 -4.75 -4.48 2.61
N HIS B 49 -5.56 -3.43 2.81
CA HIS B 49 -6.49 -3.42 3.93
C HIS B 49 -7.73 -4.27 3.62
N GLY B 50 -7.96 -5.29 4.45
CA GLY B 50 -9.15 -6.11 4.41
C GLY B 50 -9.36 -6.67 5.80
N ALA B 51 -10.61 -6.68 6.30
CA ALA B 51 -10.82 -7.07 7.69
C ALA B 51 -10.55 -8.56 7.91
N LYS B 52 -11.00 -9.40 6.99
CA LYS B 52 -10.90 -10.83 7.18
C LYS B 52 -10.10 -11.45 6.04
N LEU B 53 -9.70 -12.72 6.26
CA LEU B 53 -8.85 -13.41 5.31
C LEU B 53 -9.45 -13.37 3.90
N HIS B 54 -10.76 -13.62 3.81
CA HIS B 54 -11.43 -13.64 2.51
C HIS B 54 -11.54 -12.26 1.87
N ASN B 55 -11.17 -11.18 2.59
CA ASN B 55 -11.09 -9.85 2.00
C ASN B 55 -9.72 -9.53 1.41
N ILE B 56 -8.79 -10.48 1.40
CA ILE B 56 -7.42 -10.23 0.95
C ILE B 56 -7.25 -10.83 -0.44
N PRO B 57 -6.67 -10.10 -1.40
CA PRO B 57 -6.40 -10.66 -2.74
C PRO B 57 -5.42 -11.83 -2.66
N ASP B 58 -5.50 -12.72 -3.67
CA ASP B 58 -4.68 -13.93 -3.65
C ASP B 58 -3.19 -13.61 -3.62
N ASP B 59 -2.73 -12.67 -4.45
CA ASP B 59 -1.30 -12.37 -4.54
C ASP B 59 -0.75 -11.79 -3.24
N TYR B 60 -1.58 -11.18 -2.40
CA TYR B 60 -1.11 -10.82 -1.06
C TYR B 60 -1.05 -12.03 -0.14
N LEU B 61 -2.06 -12.91 -0.21
CA LEU B 61 -2.05 -14.11 0.62
C LEU B 61 -0.84 -14.99 0.35
N SER B 62 -0.43 -15.10 -0.93
CA SER B 62 0.72 -15.92 -1.29
C SER B 62 2.00 -15.46 -0.61
N ASP B 63 2.09 -14.18 -0.28
CA ASP B 63 3.32 -13.63 0.27
C ASP B 63 3.45 -13.82 1.78
N ILE B 64 2.36 -14.09 2.50
CA ILE B 64 2.40 -14.06 3.96
C ILE B 64 3.19 -15.23 4.53
N LEU B 65 2.84 -16.45 4.16
CA LEU B 65 3.52 -17.59 4.79
C LEU B 65 5.01 -17.68 4.43
N PRO B 66 5.45 -17.37 3.20
CA PRO B 66 6.90 -17.21 3.01
C PRO B 66 7.55 -16.24 3.98
N VAL B 67 6.89 -15.12 4.30
CA VAL B 67 7.47 -14.17 5.25
C VAL B 67 7.47 -14.74 6.67
N VAL B 68 6.40 -15.44 7.06
CA VAL B 68 6.37 -16.06 8.38
C VAL B 68 7.52 -17.05 8.51
N LYS B 69 7.68 -17.92 7.51
CA LYS B 69 8.78 -18.91 7.55
C LYS B 69 10.13 -18.24 7.67
N LYS B 70 10.35 -17.14 6.95
CA LYS B 70 11.60 -16.40 7.07
C LYS B 70 11.78 -15.85 8.48
N LEU B 71 10.70 -15.38 9.12
CA LEU B 71 10.82 -14.92 10.50
C LEU B 71 11.21 -16.03 11.45
N THR B 72 10.80 -17.28 11.18
CA THR B 72 11.21 -18.36 12.08
C THR B 72 12.72 -18.54 12.08
N LYS B 73 13.38 -18.27 10.95
CA LYS B 73 14.83 -18.24 10.95
C LYS B 73 15.36 -17.06 11.73
N VAL B 74 14.64 -15.94 11.72
CA VAL B 74 15.08 -14.74 12.43
C VAL B 74 14.98 -14.96 13.94
N LEU B 75 13.91 -15.60 14.38
CA LEU B 75 13.76 -15.95 15.79
C LEU B 75 14.49 -17.22 16.15
N LYS B 76 15.23 -17.82 15.21
CA LYS B 76 15.91 -19.09 15.38
C LYS B 76 14.96 -20.22 15.79
N LEU B 77 13.66 -20.09 15.54
CA LEU B 77 12.76 -21.22 15.78
C LEU B 77 13.03 -22.38 14.85
N ASP B 78 13.77 -22.14 13.76
CA ASP B 78 14.01 -23.16 12.76
C ASP B 78 15.14 -24.11 13.13
N GLU B 79 15.81 -23.90 14.26
CA GLU B 79 16.89 -24.80 14.66
C GLU B 79 16.37 -26.09 15.29
N ASN B 80 15.13 -26.12 15.76
CA ASN B 80 14.56 -27.29 16.40
C ASN B 80 13.71 -28.02 15.37
N ASN B 81 14.28 -29.06 14.76
CA ASN B 81 13.57 -29.92 13.81
C ASN B 81 13.08 -31.21 14.45
N THR B 82 12.57 -31.14 15.67
CA THR B 82 11.93 -32.24 16.38
C THR B 82 10.61 -31.77 16.95
N PRO B 83 9.67 -32.69 17.22
CA PRO B 83 8.43 -32.28 17.89
C PRO B 83 8.61 -31.95 19.37
N GLU B 84 9.80 -32.13 19.93
CA GLU B 84 10.05 -31.81 21.32
C GLU B 84 10.63 -30.40 21.45
N GLY B 85 10.89 -29.99 22.69
CA GLY B 85 11.51 -28.70 22.93
C GLY B 85 10.52 -27.57 22.73
N GLU B 86 11.06 -26.40 22.39
CA GLU B 86 10.19 -25.27 22.10
C GLU B 86 9.51 -25.42 20.76
N GLY B 87 8.32 -24.82 20.65
CA GLY B 87 7.58 -24.80 19.41
C GLY B 87 7.00 -23.43 19.10
N TYR B 88 6.00 -23.38 18.23
CA TYR B 88 5.38 -22.09 17.92
C TYR B 88 4.02 -22.34 17.27
N ASN B 89 3.19 -21.31 17.33
CA ASN B 89 1.91 -21.34 16.67
C ASN B 89 1.83 -20.20 15.66
N VAL B 90 1.06 -20.43 14.60
CA VAL B 90 0.70 -19.40 13.64
C VAL B 90 -0.82 -19.31 13.64
N LEU B 91 -1.35 -18.11 13.90
CA LEU B 91 -2.77 -17.95 14.17
C LEU B 91 -3.28 -16.68 13.50
N GLN B 92 -4.45 -16.78 12.85
CA GLN B 92 -5.12 -15.62 12.28
C GLN B 92 -6.61 -15.68 12.65
N ASN B 93 -7.15 -14.54 13.11
CA ASN B 93 -8.50 -14.47 13.68
C ASN B 93 -9.41 -13.59 12.84
N ASN B 94 -10.67 -14.02 12.73
CA ASN B 94 -11.66 -13.39 11.86
C ASN B 94 -12.95 -13.18 12.65
N GLY B 95 -13.16 -11.95 13.13
CA GLY B 95 -14.33 -11.55 13.87
C GLY B 95 -14.07 -11.52 15.37
N ARG B 96 -14.91 -10.74 16.07
CA ARG B 96 -14.79 -10.60 17.51
C ARG B 96 -14.85 -11.95 18.22
N ILE B 97 -15.84 -12.78 17.88
CA ILE B 97 -16.04 -14.04 18.59
C ILE B 97 -14.82 -14.95 18.42
N ALA B 98 -14.13 -14.85 17.29
CA ALA B 98 -12.90 -15.60 17.05
C ALA B 98 -11.65 -14.87 17.55
N HIS B 99 -11.81 -13.78 18.34
CA HIS B 99 -10.74 -13.13 19.10
C HIS B 99 -9.99 -12.08 18.29
N GLN B 100 -10.61 -11.56 17.24
CA GLN B 100 -10.02 -10.48 16.45
C GLN B 100 -10.52 -9.14 16.97
N VAL B 101 -9.59 -8.22 17.26
CA VAL B 101 -9.93 -6.89 17.75
C VAL B 101 -9.67 -5.81 16.72
N VAL B 102 -8.50 -5.85 16.08
CA VAL B 102 -8.15 -4.88 15.04
C VAL B 102 -8.57 -5.43 13.69
N ASP B 103 -9.39 -4.67 12.97
CA ASP B 103 -10.09 -5.15 11.77
C ASP B 103 -9.26 -4.99 10.50
N HIS B 104 -8.04 -5.53 10.56
CA HIS B 104 -7.11 -5.59 9.44
C HIS B 104 -6.40 -6.92 9.59
N VAL B 105 -6.43 -7.76 8.54
CA VAL B 105 -5.93 -9.12 8.65
C VAL B 105 -4.53 -9.11 9.25
N HIS B 106 -4.30 -9.95 10.26
CA HIS B 106 -2.95 -10.06 10.77
C HIS B 106 -2.70 -11.47 11.30
N PHE B 107 -1.52 -12.00 10.99
CA PHE B 107 -1.09 -13.30 11.46
C PHE B 107 -0.17 -13.15 12.65
N HIS B 108 -0.42 -13.96 13.69
CA HIS B 108 0.47 -14.01 14.83
C HIS B 108 1.47 -15.16 14.62
N LEU B 109 2.77 -14.86 14.75
CA LEU B 109 3.78 -15.89 14.98
C LEU B 109 4.13 -15.85 16.46
N ILE B 110 3.73 -16.89 17.20
CA ILE B 110 3.86 -16.89 18.66
C ILE B 110 4.74 -18.04 19.13
N PRO B 111 5.95 -17.78 19.62
CA PRO B 111 6.75 -18.87 20.20
C PRO B 111 6.02 -19.51 21.38
N LYS B 112 6.26 -20.80 21.56
CA LYS B 112 5.64 -21.56 22.64
C LYS B 112 6.76 -22.22 23.44
N LYS B 113 7.28 -21.49 24.43
CA LYS B 113 8.41 -22.01 25.20
C LYS B 113 7.93 -22.93 26.32
N ASP B 114 6.83 -22.59 26.97
CA ASP B 114 6.34 -23.42 28.06
C ASP B 114 4.82 -23.39 28.05
N GLU B 115 4.21 -23.86 29.13
CA GLU B 115 2.76 -23.86 29.21
C GLU B 115 2.20 -22.51 29.65
N ALA B 116 2.98 -21.74 30.42
CA ALA B 116 2.45 -20.52 31.02
C ALA B 116 2.34 -19.39 30.01
N THR B 117 3.19 -19.38 28.99
CA THR B 117 3.23 -18.34 27.97
C THR B 117 2.83 -18.93 26.62
N GLY B 118 2.79 -18.06 25.61
CA GLY B 118 2.38 -18.45 24.27
C GLY B 118 0.88 -18.67 24.18
N LEU B 119 0.48 -19.25 23.05
CA LEU B 119 -0.92 -19.52 22.82
C LEU B 119 -1.40 -20.67 23.70
N GLY B 120 -2.59 -20.49 24.30
CA GLY B 120 -3.33 -21.58 24.92
C GLY B 120 -4.42 -22.05 23.97
N VAL B 121 -4.52 -23.36 23.81
CA VAL B 121 -5.37 -23.98 22.79
C VAL B 121 -6.47 -24.77 23.49
N GLY B 122 -7.70 -24.27 23.42
CA GLY B 122 -8.85 -25.04 23.81
C GLY B 122 -9.37 -25.80 22.61
N TRP B 123 -9.55 -27.12 22.78
CA TRP B 123 -9.71 -28.03 21.65
C TRP B 123 -10.91 -28.95 21.91
N PRO B 124 -12.13 -28.44 21.77
CA PRO B 124 -13.33 -29.26 22.06
C PRO B 124 -13.68 -30.24 20.94
N ALA B 125 -12.90 -31.31 20.83
CA ALA B 125 -13.05 -32.26 19.72
C ALA B 125 -14.24 -33.17 19.93
N GLU B 126 -15.05 -33.32 18.88
CA GLU B 126 -16.17 -34.25 18.88
C GLU B 126 -15.77 -35.58 18.25
N ALA B 127 -16.54 -36.62 18.55
CA ALA B 127 -16.19 -37.94 18.07
C ALA B 127 -16.44 -38.06 16.56
N THR B 128 -15.76 -39.02 15.95
CA THR B 128 -15.94 -39.30 14.53
C THR B 128 -17.34 -39.87 14.28
N ASP B 129 -18.01 -39.33 13.26
CA ASP B 129 -19.37 -39.73 12.89
C ASP B 129 -19.46 -39.66 11.36
N PHE B 130 -19.21 -40.80 10.71
CA PHE B 130 -19.20 -40.86 9.25
C PHE B 130 -20.54 -40.48 8.65
N ASP B 131 -21.64 -40.67 9.39
CA ASP B 131 -22.93 -40.28 8.84
C ASP B 131 -23.03 -38.75 8.72
N LYS B 132 -22.74 -38.03 9.79
CA LYS B 132 -22.81 -36.56 9.72
C LYS B 132 -21.72 -36.00 8.81
N LEU B 133 -20.51 -36.55 8.88
CA LEU B 133 -19.44 -36.12 8.00
C LEU B 133 -19.80 -36.32 6.53
N GLY B 134 -20.38 -37.47 6.19
CA GLY B 134 -20.77 -37.71 4.81
C GLY B 134 -21.77 -36.69 4.30
N LYS B 135 -22.82 -36.43 5.08
CA LYS B 135 -23.78 -35.40 4.69
C LYS B 135 -23.12 -34.04 4.61
N LEU B 136 -22.16 -33.76 5.49
CA LEU B 136 -21.46 -32.49 5.41
C LEU B 136 -20.60 -32.44 4.16
N HIS B 137 -19.90 -33.53 3.85
CA HIS B 137 -19.03 -33.58 2.68
C HIS B 137 -19.84 -33.43 1.39
N GLU B 138 -21.04 -34.01 1.37
CA GLU B 138 -21.87 -33.92 0.17
C GLU B 138 -22.39 -32.50 -0.02
N LYS B 139 -22.75 -31.83 1.08
CA LYS B 139 -23.17 -30.43 1.00
C LYS B 139 -22.03 -29.52 0.54
N LEU B 140 -20.81 -29.75 1.05
CA LEU B 140 -19.70 -28.85 0.75
C LEU B 140 -19.21 -29.05 -0.69
N LYS B 141 -19.10 -30.30 -1.13
CA LYS B 141 -18.65 -30.53 -2.50
C LYS B 141 -19.66 -29.97 -3.50
N GLU B 142 -20.93 -29.82 -3.09
CA GLU B 142 -21.92 -29.15 -3.93
C GLU B 142 -21.66 -27.66 -4.00
N GLU B 143 -21.46 -27.01 -2.84
CA GLU B 143 -21.14 -25.60 -2.84
C GLU B 143 -19.82 -25.34 -3.57
N LEU B 144 -18.86 -26.27 -3.43
CA LEU B 144 -17.62 -26.18 -4.18
C LEU B 144 -17.88 -26.15 -5.69
N ALA B 145 -18.75 -27.03 -6.17
CA ALA B 145 -19.02 -27.07 -7.61
C ALA B 145 -19.64 -25.78 -8.11
N LYS B 146 -20.43 -25.11 -7.27
CA LYS B 146 -21.00 -23.82 -7.64
C LYS B 146 -19.96 -22.70 -7.58
N VAL B 147 -18.92 -22.85 -6.76
CA VAL B 147 -17.83 -21.87 -6.77
C VAL B 147 -17.08 -21.95 -8.10
N ASP B 148 -17.03 -23.13 -8.71
CA ASP B 148 -16.36 -23.33 -9.99
C ASP B 148 -17.35 -23.29 -11.17
N SER C 6 4.98 -43.76 6.54
CA SER C 6 4.56 -43.84 7.95
C SER C 6 3.54 -42.75 8.27
N CYS C 7 3.67 -41.61 7.59
CA CYS C 7 2.90 -40.42 7.91
C CYS C 7 1.46 -40.54 7.39
N ILE C 8 0.51 -40.34 8.30
CA ILE C 8 -0.89 -40.52 7.99
C ILE C 8 -1.35 -39.55 6.89
N PHE C 9 -0.76 -38.34 6.83
CA PHE C 9 -1.19 -37.35 5.84
C PHE C 9 -0.58 -37.61 4.46
N CYS C 10 0.67 -38.07 4.40
CA CYS C 10 1.19 -38.55 3.13
C CYS C 10 0.33 -39.68 2.58
N LYS C 11 -0.09 -40.60 3.45
CA LYS C 11 -0.92 -41.71 2.99
C LYS C 11 -2.31 -41.23 2.55
N ILE C 12 -2.85 -40.21 3.21
CA ILE C 12 -4.14 -39.66 2.82
C ILE C 12 -4.03 -38.96 1.47
N ILE C 13 -2.95 -38.21 1.27
CA ILE C 13 -2.72 -37.58 -0.03
C ILE C 13 -2.68 -38.64 -1.13
N LYS C 14 -1.92 -39.71 -0.92
CA LYS C 14 -1.86 -40.80 -1.90
C LYS C 14 -3.16 -41.64 -1.96
N GLY C 15 -4.15 -41.36 -1.12
CA GLY C 15 -5.38 -42.14 -1.12
C GLY C 15 -5.31 -43.49 -0.43
N GLU C 16 -4.20 -43.81 0.24
CA GLU C 16 -4.06 -45.11 0.90
C GLU C 16 -4.90 -45.17 2.17
N ILE C 17 -4.92 -44.10 2.93
CA ILE C 17 -5.87 -43.93 4.03
C ILE C 17 -6.99 -43.03 3.55
N PRO C 18 -8.26 -43.42 3.72
CA PRO C 18 -9.34 -42.64 3.12
C PRO C 18 -9.56 -41.33 3.86
N SER C 19 -10.31 -40.44 3.21
CA SER C 19 -10.50 -39.08 3.69
C SER C 19 -11.69 -38.46 2.96
N PHE C 20 -12.18 -37.34 3.51
CA PHE C 20 -13.27 -36.56 2.92
C PHE C 20 -12.63 -35.35 2.21
N LYS C 21 -12.24 -35.55 0.96
CA LYS C 21 -11.48 -34.56 0.23
C LYS C 21 -12.33 -33.36 -0.19
N LEU C 22 -11.75 -32.16 -0.09
CA LEU C 22 -12.43 -30.94 -0.46
C LEU C 22 -11.70 -30.33 -1.64
N ILE C 23 -10.85 -29.35 -1.46
CA ILE C 23 -10.13 -28.76 -2.58
C ILE C 23 -8.76 -29.42 -2.70
N GLU C 24 -8.40 -29.80 -3.92
CA GLU C 24 -7.06 -30.24 -4.21
C GLU C 24 -6.45 -29.37 -5.31
N THR C 25 -5.14 -29.19 -5.23
CA THR C 25 -4.35 -28.32 -6.08
C THR C 25 -3.11 -29.13 -6.48
N ALA C 26 -2.33 -28.63 -7.43
CA ALA C 26 -1.05 -29.28 -7.71
C ALA C 26 -0.18 -29.34 -6.46
N LYS C 27 -0.35 -28.41 -5.53
CA LYS C 27 0.53 -28.32 -4.38
C LYS C 27 -0.15 -28.57 -3.03
N THR C 28 -1.47 -28.49 -2.94
CA THR C 28 -2.17 -28.50 -1.67
C THR C 28 -3.29 -29.53 -1.69
N TYR C 29 -3.62 -30.05 -0.51
CA TYR C 29 -4.70 -31.02 -0.35
C TYR C 29 -5.47 -30.65 0.90
N SER C 30 -6.79 -30.74 0.85
CA SER C 30 -7.58 -30.35 2.02
C SER C 30 -8.78 -31.29 2.19
N PHE C 31 -9.17 -31.47 3.45
CA PHE C 31 -10.13 -32.51 3.79
C PHE C 31 -10.71 -32.22 5.16
N LEU C 32 -11.90 -32.77 5.39
CA LEU C 32 -12.57 -32.65 6.67
C LEU C 32 -11.74 -33.25 7.80
N ASP C 33 -11.60 -32.51 8.90
CA ASP C 33 -11.07 -33.10 10.13
C ASP C 33 -12.11 -34.06 10.68
N ILE C 34 -11.74 -35.32 10.91
CA ILE C 34 -12.72 -36.32 11.34
C ILE C 34 -12.88 -36.38 12.86
N GLN C 35 -12.12 -35.60 13.61
CA GLN C 35 -12.37 -35.35 15.04
C GLN C 35 -12.59 -33.85 15.23
N PRO C 36 -13.56 -33.27 14.53
CA PRO C 36 -13.65 -31.81 14.44
C PRO C 36 -13.99 -31.17 15.79
N ILE C 37 -13.60 -29.90 15.92
CA ILE C 37 -14.01 -29.08 17.05
C ILE C 37 -15.07 -28.06 16.65
N ALA C 38 -15.44 -28.02 15.38
CA ALA C 38 -16.56 -27.24 14.88
C ALA C 38 -17.05 -27.94 13.64
N GLU C 39 -18.27 -27.60 13.21
CA GLU C 39 -18.97 -28.38 12.20
C GLU C 39 -18.11 -28.65 10.95
N ALA C 40 -17.68 -27.60 10.25
CA ALA C 40 -16.92 -27.80 9.00
C ALA C 40 -15.45 -27.47 9.21
N HIS C 41 -14.89 -28.11 10.23
CA HIS C 41 -13.47 -28.01 10.56
C HIS C 41 -12.66 -28.70 9.46
N VAL C 42 -11.78 -27.95 8.80
CA VAL C 42 -11.07 -28.44 7.61
C VAL C 42 -9.57 -28.38 7.88
N LEU C 43 -8.85 -29.37 7.37
CA LEU C 43 -7.40 -29.38 7.41
C LEU C 43 -6.90 -29.08 6.01
N ILE C 44 -5.78 -28.37 5.93
CA ILE C 44 -5.20 -27.95 4.66
C ILE C 44 -3.70 -28.22 4.74
N ILE C 45 -3.18 -29.03 3.81
CA ILE C 45 -1.81 -29.49 3.97
C ILE C 45 -1.02 -29.34 2.67
N PRO C 46 0.26 -28.96 2.75
CA PRO C 46 1.11 -29.06 1.57
C PRO C 46 1.37 -30.53 1.24
N LYS C 47 1.43 -30.85 -0.05
CA LYS C 47 1.72 -32.23 -0.42
C LYS C 47 3.15 -32.61 -0.07
N HIS C 48 4.05 -31.64 -0.04
CA HIS C 48 5.41 -31.87 0.44
C HIS C 48 5.39 -32.23 1.93
N HIS C 49 6.00 -33.36 2.30
CA HIS C 49 6.03 -33.75 3.71
C HIS C 49 7.12 -32.97 4.44
N GLY C 50 6.70 -32.13 5.37
CA GLY C 50 7.60 -31.56 6.35
C GLY C 50 6.91 -31.49 7.70
N ALA C 51 7.70 -31.52 8.76
CA ALA C 51 7.06 -31.57 10.08
C ALA C 51 6.60 -30.19 10.54
N LYS C 52 7.44 -29.17 10.40
CA LYS C 52 7.13 -27.83 10.91
C LYS C 52 7.08 -26.82 9.76
N LEU C 53 6.56 -25.63 10.07
CA LEU C 53 6.33 -24.64 9.03
C LEU C 53 7.62 -24.31 8.27
N HIS C 54 8.76 -24.29 8.96
CA HIS C 54 10.01 -23.94 8.28
C HIS C 54 10.61 -25.08 7.46
N ASN C 55 10.03 -26.29 7.53
CA ASN C 55 10.45 -27.37 6.66
C ASN C 55 9.70 -27.41 5.33
N ILE C 56 8.88 -26.42 5.02
CA ILE C 56 8.07 -26.41 3.81
C ILE C 56 8.67 -25.42 2.81
N PRO C 57 8.87 -25.81 1.54
CA PRO C 57 9.40 -24.86 0.54
C PRO C 57 8.43 -23.71 0.29
N ASP C 58 8.99 -22.57 -0.14
CA ASP C 58 8.18 -21.37 -0.32
C ASP C 58 7.03 -21.59 -1.29
N ASP C 59 7.28 -22.32 -2.38
CA ASP C 59 6.21 -22.44 -3.36
C ASP C 59 5.02 -23.23 -2.81
N TYR C 60 5.24 -24.11 -1.84
CA TYR C 60 4.10 -24.76 -1.22
C TYR C 60 3.39 -23.82 -0.24
N LEU C 61 4.15 -23.05 0.54
CA LEU C 61 3.55 -22.10 1.48
C LEU C 61 2.70 -21.06 0.77
N SER C 62 3.12 -20.63 -0.43
CA SER C 62 2.42 -19.57 -1.14
C SER C 62 1.04 -19.98 -1.64
N ASP C 63 0.82 -21.28 -1.85
CA ASP C 63 -0.45 -21.81 -2.33
C ASP C 63 -1.45 -22.13 -1.22
N ILE C 64 -1.01 -22.13 0.05
CA ILE C 64 -1.87 -22.57 1.14
C ILE C 64 -2.97 -21.53 1.44
N LEU C 65 -2.59 -20.29 1.78
CA LEU C 65 -3.61 -19.30 2.09
C LEU C 65 -4.62 -19.03 0.97
N PRO C 66 -4.25 -18.96 -0.30
CA PRO C 66 -5.31 -18.88 -1.32
C PRO C 66 -6.28 -20.06 -1.31
N VAL C 67 -5.80 -21.26 -0.99
CA VAL C 67 -6.72 -22.39 -0.89
C VAL C 67 -7.66 -22.24 0.32
N VAL C 68 -7.11 -21.80 1.47
CA VAL C 68 -7.93 -21.56 2.66
C VAL C 68 -8.99 -20.51 2.35
N LYS C 69 -8.60 -19.44 1.67
CA LYS C 69 -9.57 -18.41 1.30
C LYS C 69 -10.69 -19.01 0.46
N LYS C 70 -10.34 -19.82 -0.53
CA LYS C 70 -11.35 -20.46 -1.37
C LYS C 70 -12.26 -21.37 -0.54
N LEU C 71 -11.69 -22.05 0.46
CA LEU C 71 -12.52 -22.84 1.37
C LEU C 71 -13.47 -21.95 2.19
N THR C 72 -13.10 -20.70 2.49
CA THR C 72 -14.08 -19.86 3.18
C THR C 72 -15.29 -19.60 2.31
N LYS C 73 -15.14 -19.66 0.98
CA LYS C 73 -16.31 -19.49 0.13
C LYS C 73 -17.16 -20.76 0.09
N VAL C 74 -16.51 -21.93 0.02
CA VAL C 74 -17.24 -23.19 0.08
C VAL C 74 -18.03 -23.29 1.40
N LEU C 75 -17.39 -22.94 2.52
CA LEU C 75 -18.06 -22.96 3.81
C LEU C 75 -19.00 -21.78 4.01
N LYS C 76 -19.02 -20.82 3.09
CA LYS C 76 -19.86 -19.63 3.13
C LYS C 76 -19.52 -18.67 4.28
N LEU C 77 -18.33 -18.79 4.88
CA LEU C 77 -17.87 -17.78 5.84
C LEU C 77 -17.56 -16.45 5.16
N ASP C 78 -17.34 -16.45 3.85
CA ASP C 78 -17.00 -15.19 3.21
C ASP C 78 -18.20 -14.25 3.13
N GLU C 79 -19.39 -14.69 3.54
CA GLU C 79 -20.58 -13.88 3.40
C GLU C 79 -20.73 -12.85 4.52
N ASN C 80 -20.13 -13.10 5.69
CA ASN C 80 -20.21 -12.15 6.80
C ASN C 80 -19.00 -11.23 6.74
N ASN C 81 -19.20 -10.04 6.18
CA ASN C 81 -18.12 -9.06 6.05
C ASN C 81 -18.18 -8.03 7.15
N THR C 82 -18.59 -8.45 8.35
CA THR C 82 -18.63 -7.64 9.54
C THR C 82 -17.89 -8.33 10.67
N PRO C 83 -17.42 -7.58 11.68
CA PRO C 83 -16.79 -8.22 12.84
C PRO C 83 -17.78 -8.89 13.80
N GLU C 84 -19.09 -8.73 13.59
CA GLU C 84 -20.09 -9.36 14.44
C GLU C 84 -20.51 -10.70 13.87
N GLY C 85 -21.26 -11.44 14.69
CA GLY C 85 -21.77 -12.73 14.23
C GLY C 85 -20.68 -13.78 14.22
N GLU C 86 -20.86 -14.77 13.34
CA GLU C 86 -19.96 -15.91 13.31
C GLU C 86 -18.64 -15.56 12.62
N GLY C 87 -17.57 -16.17 13.11
CA GLY C 87 -16.25 -15.96 12.55
C GLY C 87 -15.47 -17.25 12.38
N TYR C 88 -14.15 -17.17 12.29
CA TYR C 88 -13.36 -18.36 12.09
C TYR C 88 -11.91 -18.07 12.42
N ASN C 89 -11.17 -19.15 12.66
CA ASN C 89 -9.75 -19.09 12.96
C ASN C 89 -8.97 -19.91 11.93
N VAL C 90 -7.75 -19.45 11.65
CA VAL C 90 -6.76 -20.23 10.94
C VAL C 90 -5.58 -20.46 11.89
N LEU C 91 -5.27 -21.73 12.17
CA LEU C 91 -4.26 -22.13 13.15
C LEU C 91 -3.34 -23.19 12.58
N GLN C 92 -2.05 -23.06 12.84
CA GLN C 92 -1.04 -24.04 12.46
C GLN C 92 -0.06 -24.23 13.61
N ASN C 93 0.23 -25.49 13.96
CA ASN C 93 0.92 -25.81 15.21
C ASN C 93 2.25 -26.50 14.94
N ASN C 94 3.26 -26.11 15.70
CA ASN C 94 4.63 -26.56 15.47
C ASN C 94 5.23 -27.09 16.77
N GLY C 95 5.20 -28.40 16.94
CA GLY C 95 5.77 -29.01 18.12
C GLY C 95 4.70 -29.50 19.08
N ARG C 96 5.05 -30.52 19.88
CA ARG C 96 4.11 -31.11 20.82
C ARG C 96 3.57 -30.06 21.78
N ILE C 97 4.46 -29.22 22.32
CA ILE C 97 4.04 -28.21 23.30
C ILE C 97 3.08 -27.20 22.66
N ALA C 98 3.18 -26.99 21.36
CA ALA C 98 2.30 -26.08 20.64
C ALA C 98 1.03 -26.77 20.15
N HIS C 99 0.76 -28.00 20.60
CA HIS C 99 -0.46 -28.76 20.32
C HIS C 99 -0.45 -29.44 18.94
N GLN C 100 0.72 -29.65 18.34
CA GLN C 100 0.83 -30.44 17.11
C GLN C 100 1.07 -31.91 17.45
N VAL C 101 0.24 -32.80 16.91
CA VAL C 101 0.37 -34.24 17.17
C VAL C 101 0.78 -35.02 15.93
N VAL C 102 0.19 -34.72 14.78
CA VAL C 102 0.64 -35.30 13.51
C VAL C 102 1.76 -34.42 12.95
N ASP C 103 2.93 -35.03 12.76
CA ASP C 103 4.14 -34.33 12.34
C ASP C 103 4.20 -34.13 10.83
N HIS C 104 3.13 -33.61 10.24
CA HIS C 104 3.15 -33.11 8.88
C HIS C 104 2.36 -31.81 8.90
N VAL C 105 2.95 -30.74 8.36
CA VAL C 105 2.37 -29.40 8.49
C VAL C 105 0.93 -29.41 8.04
N HIS C 106 0.03 -28.97 8.91
CA HIS C 106 -1.37 -28.86 8.52
C HIS C 106 -1.97 -27.60 9.11
N PHE C 107 -2.79 -26.92 8.31
CA PHE C 107 -3.52 -25.74 8.72
C PHE C 107 -4.96 -26.09 9.06
N HIS C 108 -5.43 -25.53 10.18
CA HIS C 108 -6.82 -25.65 10.59
C HIS C 108 -7.62 -24.43 10.12
N LEU C 109 -8.68 -24.68 9.38
CA LEU C 109 -9.73 -23.69 9.14
C LEU C 109 -10.93 -24.10 10.01
N ILE C 110 -11.18 -23.32 11.06
CA ILE C 110 -12.14 -23.72 12.09
C ILE C 110 -13.24 -22.67 12.23
N PRO C 111 -14.45 -22.93 11.77
CA PRO C 111 -15.56 -21.99 12.04
C PRO C 111 -15.73 -21.71 13.53
N LYS C 112 -16.14 -20.48 13.84
CA LYS C 112 -16.38 -20.05 15.22
C LYS C 112 -17.80 -19.49 15.33
N LYS C 113 -18.74 -20.33 15.77
CA LYS C 113 -20.14 -19.96 15.81
C LYS C 113 -20.66 -19.65 17.20
N ASP C 114 -19.94 -20.06 18.24
CA ASP C 114 -20.26 -19.71 19.62
C ASP C 114 -19.02 -20.01 20.45
N GLU C 115 -19.13 -19.84 21.76
CA GLU C 115 -17.95 -20.02 22.58
C GLU C 115 -17.65 -21.50 22.83
N ALA C 116 -18.68 -22.35 22.95
CA ALA C 116 -18.44 -23.73 23.34
C ALA C 116 -17.72 -24.52 22.24
N THR C 117 -17.91 -24.15 20.98
CA THR C 117 -17.33 -24.83 19.84
C THR C 117 -16.23 -23.97 19.21
N GLY C 118 -15.58 -24.53 18.19
CA GLY C 118 -14.46 -23.87 17.55
C GLY C 118 -13.28 -23.76 18.50
N LEU C 119 -12.29 -23.00 18.05
CA LEU C 119 -11.06 -22.84 18.82
C LEU C 119 -11.32 -22.02 20.09
N GLY C 120 -10.65 -22.42 21.17
CA GLY C 120 -10.58 -21.62 22.37
C GLY C 120 -9.21 -20.95 22.44
N VAL C 121 -9.22 -19.65 22.62
CA VAL C 121 -8.01 -18.84 22.58
C VAL C 121 -7.62 -18.48 24.01
N GLY C 122 -6.56 -19.11 24.52
CA GLY C 122 -5.93 -18.63 25.73
C GLY C 122 -4.89 -17.57 25.40
N TRP C 123 -5.05 -16.36 25.94
CA TRP C 123 -4.24 -15.20 25.54
C TRP C 123 -3.57 -14.59 26.79
N PRO C 124 -2.53 -15.24 27.31
CA PRO C 124 -1.91 -14.73 28.54
C PRO C 124 -0.93 -13.59 28.28
N ALA C 125 -1.44 -12.36 28.37
CA ALA C 125 -0.58 -11.19 28.22
C ALA C 125 0.56 -11.25 29.22
N GLU C 126 1.74 -10.88 28.76
CA GLU C 126 2.87 -10.63 29.65
C GLU C 126 3.28 -9.18 29.48
N ALA C 127 3.17 -8.41 30.57
CA ALA C 127 3.59 -7.02 30.54
C ALA C 127 5.05 -6.91 30.11
N THR C 128 5.33 -5.86 29.34
CA THR C 128 6.62 -5.65 28.73
C THR C 128 6.90 -4.15 28.78
N ASP C 129 8.10 -3.77 28.38
CA ASP C 129 8.53 -2.38 28.35
C ASP C 129 8.95 -2.03 26.93
N PHE C 130 8.97 -0.73 26.63
CA PHE C 130 9.62 -0.30 25.41
C PHE C 130 11.13 -0.55 25.47
N ASP C 131 11.69 -0.56 26.68
CA ASP C 131 13.08 -0.96 26.85
C ASP C 131 13.31 -2.40 26.38
N LYS C 132 12.53 -3.35 26.91
CA LYS C 132 12.71 -4.75 26.52
C LYS C 132 12.39 -4.98 25.05
N LEU C 133 11.29 -4.40 24.54
CA LEU C 133 10.96 -4.52 23.13
C LEU C 133 12.08 -3.99 22.24
N GLY C 134 12.61 -2.80 22.57
CA GLY C 134 13.69 -2.23 21.78
C GLY C 134 14.93 -3.10 21.73
N LYS C 135 15.34 -3.66 22.88
CA LYS C 135 16.52 -4.51 22.90
C LYS C 135 16.26 -5.80 22.15
N LEU C 136 15.05 -6.36 22.29
CA LEU C 136 14.67 -7.51 21.51
C LEU C 136 14.73 -7.19 20.02
N HIS C 137 14.23 -6.01 19.65
CA HIS C 137 14.16 -5.65 18.25
C HIS C 137 15.54 -5.49 17.64
N GLU C 138 16.50 -5.00 18.44
CA GLU C 138 17.85 -4.83 17.94
C GLU C 138 18.51 -6.17 17.71
N LYS C 139 18.31 -7.11 18.64
CA LYS C 139 18.85 -8.45 18.48
C LYS C 139 18.20 -9.18 17.30
N LEU C 140 16.91 -8.93 17.06
CA LEU C 140 16.24 -9.56 15.91
C LEU C 140 16.70 -8.95 14.60
N LYS C 141 16.92 -7.63 14.58
CA LYS C 141 17.42 -6.98 13.36
C LYS C 141 18.81 -7.51 12.99
N GLU C 142 19.69 -7.67 13.98
CA GLU C 142 21.01 -8.24 13.72
C GLU C 142 20.89 -9.61 13.06
N GLU C 143 20.02 -10.47 13.60
CA GLU C 143 19.83 -11.79 13.04
C GLU C 143 19.28 -11.71 11.62
N LEU C 144 18.33 -10.80 11.39
CA LEU C 144 17.79 -10.62 10.04
C LEU C 144 18.88 -10.23 9.06
N ALA C 145 19.85 -9.43 9.50
CA ALA C 145 20.97 -9.06 8.65
C ALA C 145 21.77 -10.30 8.22
N LYS C 146 22.05 -11.19 9.18
CA LYS C 146 22.75 -12.43 8.88
C LYS C 146 21.90 -13.38 8.03
N VAL C 147 20.61 -13.24 8.07
CA VAL C 147 19.78 -14.11 7.31
C VAL C 147 19.69 -13.58 5.93
N ASP C 148 19.94 -12.32 5.74
CA ASP C 148 19.80 -11.74 4.47
C ASP C 148 20.96 -12.04 3.63
N GLU C 149 22.08 -12.41 4.23
CA GLU C 149 23.24 -12.74 3.43
C GLU C 149 23.79 -14.13 3.71
N ALA D 5 9.78 41.29 -1.79
CA ALA D 5 9.53 42.74 -1.72
C ALA D 5 9.25 43.31 -3.11
N SER D 6 10.01 42.83 -4.11
CA SER D 6 9.79 43.17 -5.51
C SER D 6 9.05 42.06 -6.25
N CYS D 7 8.38 41.18 -5.51
CA CYS D 7 7.76 39.98 -6.06
C CYS D 7 6.26 40.18 -6.08
N ILE D 8 5.68 40.11 -7.27
CA ILE D 8 4.24 40.31 -7.43
C ILE D 8 3.45 39.32 -6.59
N PHE D 9 3.96 38.09 -6.43
CA PHE D 9 3.21 37.08 -5.70
C PHE D 9 3.29 37.33 -4.19
N CYS D 10 4.47 37.74 -3.68
CA CYS D 10 4.56 38.22 -2.31
C CYS D 10 3.62 39.42 -2.06
N LYS D 11 3.64 40.40 -2.96
CA LYS D 11 2.75 41.55 -2.79
C LYS D 11 1.29 41.12 -2.81
N ILE D 12 0.94 40.15 -3.69
CA ILE D 12 -0.43 39.68 -3.75
C ILE D 12 -0.84 39.01 -2.43
N ILE D 13 0.07 38.20 -1.85
CA ILE D 13 -0.19 37.58 -0.54
C ILE D 13 -0.47 38.65 0.51
N LYS D 14 0.41 39.67 0.59
CA LYS D 14 0.20 40.77 1.53
C LYS D 14 -1.00 41.65 1.17
N GLY D 15 -1.59 41.49 -0.01
CA GLY D 15 -2.74 42.31 -0.36
C GLY D 15 -2.41 43.68 -0.89
N GLU D 16 -1.13 43.93 -1.21
CA GLU D 16 -0.69 45.19 -1.80
C GLU D 16 -1.00 45.25 -3.29
N ILE D 17 -1.16 44.11 -3.95
CA ILE D 17 -1.65 44.07 -5.31
C ILE D 17 -2.93 43.24 -5.35
N PRO D 18 -3.95 43.72 -6.06
CA PRO D 18 -5.24 43.03 -6.11
C PRO D 18 -5.15 41.58 -6.59
N SER D 19 -6.12 40.77 -6.17
CA SER D 19 -6.24 39.37 -6.58
C SER D 19 -7.64 38.84 -6.27
N PHE D 20 -8.04 37.81 -7.03
CA PHE D 20 -9.33 37.15 -6.81
C PHE D 20 -9.10 35.91 -5.92
N LYS D 21 -9.22 36.11 -4.61
CA LYS D 21 -8.78 35.10 -3.64
C LYS D 21 -9.76 33.94 -3.54
N LEU D 22 -9.23 32.72 -3.38
CA LEU D 22 -10.06 31.54 -3.32
C LEU D 22 -9.84 30.89 -1.97
N ILE D 23 -9.00 29.87 -1.86
CA ILE D 23 -8.71 29.20 -0.60
C ILE D 23 -7.41 29.78 -0.07
N GLU D 24 -7.40 30.13 1.21
CA GLU D 24 -6.16 30.49 1.89
C GLU D 24 -5.97 29.64 3.13
N THR D 25 -4.70 29.39 3.45
CA THR D 25 -4.29 28.49 4.52
C THR D 25 -3.18 29.20 5.29
N ALA D 26 -2.86 28.70 6.48
CA ALA D 26 -1.69 29.20 7.19
C ALA D 26 -0.47 29.23 6.29
N LYS D 27 -0.33 28.24 5.40
CA LYS D 27 0.85 28.12 4.57
C LYS D 27 0.64 28.38 3.08
N THR D 28 -0.59 28.37 2.58
CA THR D 28 -0.82 28.41 1.14
C THR D 28 -1.81 29.51 0.77
N TYR D 29 -1.63 30.07 -0.44
CA TYR D 29 -2.49 31.12 -0.96
C TYR D 29 -2.88 30.83 -2.41
N SER D 30 -4.17 30.90 -2.72
CA SER D 30 -4.62 30.61 -4.07
C SER D 30 -5.62 31.64 -4.58
N PHE D 31 -5.62 31.82 -5.89
CA PHE D 31 -6.35 32.90 -6.55
C PHE D 31 -6.43 32.62 -8.04
N LEU D 32 -7.39 33.28 -8.70
CA LEU D 32 -7.61 33.12 -10.13
C LEU D 32 -6.44 33.66 -10.95
N ASP D 33 -6.12 32.95 -12.03
CA ASP D 33 -5.17 33.47 -12.99
C ASP D 33 -5.88 34.52 -13.83
N ILE D 34 -5.39 35.77 -13.81
CA ILE D 34 -6.08 36.83 -14.53
C ILE D 34 -5.70 36.89 -16.01
N GLN D 35 -4.77 36.05 -16.47
CA GLN D 35 -4.57 35.78 -17.90
C GLN D 35 -4.80 34.30 -18.16
N PRO D 36 -6.02 33.79 -17.90
CA PRO D 36 -6.21 32.35 -17.87
C PRO D 36 -6.10 31.70 -19.25
N ILE D 37 -5.64 30.44 -19.25
CA ILE D 37 -5.65 29.62 -20.45
C ILE D 37 -6.82 28.65 -20.46
N ALA D 38 -7.60 28.60 -19.39
CA ALA D 38 -8.86 27.89 -19.31
C ALA D 38 -9.71 28.64 -18.32
N GLU D 39 -11.00 28.28 -18.26
CA GLU D 39 -11.97 29.12 -17.56
C GLU D 39 -11.57 29.40 -16.12
N ALA D 40 -11.47 28.37 -15.29
CA ALA D 40 -11.13 28.59 -13.88
C ALA D 40 -9.70 28.18 -13.60
N HIS D 41 -8.78 28.68 -14.42
CA HIS D 41 -7.34 28.57 -14.22
C HIS D 41 -6.96 29.19 -12.87
N VAL D 42 -6.53 28.37 -11.92
CA VAL D 42 -6.21 28.81 -10.57
C VAL D 42 -4.71 28.71 -10.37
N LEU D 43 -4.15 29.63 -9.59
CA LEU D 43 -2.77 29.54 -9.12
C LEU D 43 -2.78 29.20 -7.64
N ILE D 44 -1.77 28.41 -7.23
CA ILE D 44 -1.64 27.96 -5.85
C ILE D 44 -0.20 28.15 -5.45
N ILE D 45 0.05 28.97 -4.43
CA ILE D 45 1.42 29.34 -4.09
C ILE D 45 1.71 29.13 -2.61
N PRO D 46 2.91 28.67 -2.27
CA PRO D 46 3.35 28.75 -0.87
C PRO D 46 3.57 30.21 -0.50
N LYS D 47 3.36 30.52 0.79
CA LYS D 47 3.56 31.90 1.25
C LYS D 47 5.05 32.22 1.39
N HIS D 48 5.85 31.21 1.72
CA HIS D 48 7.31 31.32 1.70
C HIS D 48 7.81 31.64 0.29
N HIS D 49 8.68 32.64 0.17
CA HIS D 49 9.18 33.02 -1.14
C HIS D 49 10.35 32.13 -1.54
N GLY D 50 10.13 31.25 -2.51
CA GLY D 50 11.23 30.56 -3.18
C GLY D 50 11.01 30.59 -4.68
N ALA D 51 12.11 30.66 -5.41
CA ALA D 51 11.94 30.76 -6.86
C ALA D 51 11.59 29.41 -7.47
N LYS D 52 12.26 28.35 -7.06
CA LYS D 52 12.03 27.02 -7.61
C LYS D 52 11.51 26.07 -6.54
N LEU D 53 10.98 24.92 -6.99
CA LEU D 53 10.42 23.92 -6.08
C LEU D 53 11.42 23.55 -4.97
N HIS D 54 12.70 23.43 -5.30
CA HIS D 54 13.66 23.02 -4.28
C HIS D 54 14.01 24.15 -3.29
N ASN D 55 13.51 25.37 -3.50
CA ASN D 55 13.73 26.46 -2.56
C ASN D 55 12.61 26.58 -1.52
N ILE D 56 11.70 25.63 -1.45
CA ILE D 56 10.50 25.72 -0.61
C ILE D 56 10.64 24.72 0.53
N PRO D 57 10.41 25.14 1.78
CA PRO D 57 10.51 24.19 2.89
C PRO D 57 9.51 23.05 2.76
N ASP D 58 9.89 21.88 3.29
CA ASP D 58 9.05 20.70 3.22
C ASP D 58 7.64 20.97 3.73
N ASP D 59 7.50 21.74 4.81
CA ASP D 59 6.17 21.93 5.37
C ASP D 59 5.27 22.80 4.49
N TYR D 60 5.84 23.67 3.66
CA TYR D 60 4.99 24.33 2.69
C TYR D 60 4.61 23.42 1.52
N LEU D 61 5.53 22.54 1.10
CA LEU D 61 5.22 21.62 0.03
C LEU D 61 4.11 20.66 0.42
N SER D 62 4.08 20.24 1.69
CA SER D 62 3.10 19.24 2.12
C SER D 62 1.68 19.78 2.06
N ASP D 63 1.51 21.10 2.16
CA ASP D 63 0.20 21.69 2.22
C ASP D 63 -0.39 22.02 0.84
N ILE D 64 0.43 22.04 -0.20
CA ILE D 64 -0.01 22.52 -1.51
C ILE D 64 -1.02 21.56 -2.14
N LEU D 65 -0.65 20.30 -2.34
CA LEU D 65 -1.57 19.39 -3.03
C LEU D 65 -2.90 19.16 -2.30
N PRO D 66 -2.97 19.11 -0.96
CA PRO D 66 -4.31 19.11 -0.35
C PRO D 66 -5.12 20.35 -0.66
N VAL D 67 -4.48 21.51 -0.80
CA VAL D 67 -5.24 22.68 -1.23
C VAL D 67 -5.72 22.50 -2.68
N VAL D 68 -4.83 22.02 -3.57
CA VAL D 68 -5.24 21.80 -4.97
C VAL D 68 -6.40 20.82 -5.01
N LYS D 69 -6.34 19.77 -4.19
CA LYS D 69 -7.44 18.80 -4.13
C LYS D 69 -8.73 19.48 -3.70
N LYS D 70 -8.67 20.31 -2.65
CA LYS D 70 -9.86 21.03 -2.23
C LYS D 70 -10.38 21.95 -3.34
N LEU D 71 -9.47 22.56 -4.12
CA LEU D 71 -9.90 23.43 -5.22
C LEU D 71 -10.63 22.65 -6.31
N THR D 72 -10.24 21.39 -6.57
CA THR D 72 -11.00 20.59 -7.53
C THR D 72 -12.43 20.35 -7.05
N LYS D 73 -12.67 20.40 -5.74
CA LYS D 73 -14.05 20.37 -5.26
C LYS D 73 -14.77 21.68 -5.53
N VAL D 74 -14.11 22.82 -5.27
CA VAL D 74 -14.69 24.12 -5.58
C VAL D 74 -15.05 24.23 -7.05
N LEU D 75 -14.17 23.73 -7.93
CA LEU D 75 -14.39 23.81 -9.36
C LEU D 75 -15.27 22.69 -9.91
N LYS D 76 -15.71 21.76 -9.06
CA LYS D 76 -16.58 20.62 -9.41
C LYS D 76 -15.90 19.59 -10.29
N LEU D 77 -14.59 19.75 -10.56
CA LEU D 77 -13.82 18.73 -11.26
C LEU D 77 -13.84 17.38 -10.55
N ASP D 78 -14.14 17.34 -9.25
CA ASP D 78 -14.09 16.06 -8.55
C ASP D 78 -15.28 15.17 -8.89
N GLU D 79 -16.23 15.66 -9.68
CA GLU D 79 -17.45 14.92 -9.95
C GLU D 79 -17.29 13.94 -11.10
N ASN D 80 -16.22 14.06 -11.88
CA ASN D 80 -15.94 13.15 -12.99
C ASN D 80 -14.89 12.14 -12.56
N ASN D 81 -15.34 10.97 -12.12
CA ASN D 81 -14.44 9.89 -11.72
C ASN D 81 -14.24 8.89 -12.85
N THR D 82 -14.20 9.36 -14.08
CA THR D 82 -13.91 8.50 -15.23
C THR D 82 -12.79 9.15 -16.02
N PRO D 83 -12.04 8.36 -16.80
CA PRO D 83 -11.00 8.95 -17.65
C PRO D 83 -11.52 9.69 -18.85
N GLU D 84 -12.81 9.59 -19.16
CA GLU D 84 -13.40 10.31 -20.29
C GLU D 84 -13.96 11.66 -19.85
N GLY D 85 -14.42 12.44 -20.81
CA GLY D 85 -15.01 13.72 -20.48
C GLY D 85 -13.92 14.74 -20.19
N GLU D 86 -14.27 15.73 -19.39
CA GLU D 86 -13.28 16.78 -19.22
C GLU D 86 -12.32 16.37 -18.09
N GLY D 87 -11.11 16.92 -18.16
CA GLY D 87 -10.06 16.61 -17.20
C GLY D 87 -9.37 17.86 -16.69
N TYR D 88 -8.11 17.72 -16.24
CA TYR D 88 -7.36 18.85 -15.72
C TYR D 88 -5.89 18.47 -15.54
N ASN D 89 -5.06 19.51 -15.50
CA ASN D 89 -3.62 19.38 -15.35
C ASN D 89 -3.12 20.17 -14.12
N VAL D 90 -2.13 19.62 -13.43
CA VAL D 90 -1.39 20.35 -12.41
C VAL D 90 0.02 20.57 -12.97
N LEU D 91 0.42 21.83 -13.11
CA LEU D 91 1.72 22.16 -13.70
C LEU D 91 2.50 23.10 -12.79
N GLN D 92 3.80 22.85 -12.67
CA GLN D 92 4.72 23.71 -11.94
C GLN D 92 6.00 23.83 -12.74
N ASN D 93 6.47 25.06 -12.96
CA ASN D 93 7.56 25.34 -13.88
C ASN D 93 8.74 25.97 -13.16
N ASN D 94 9.95 25.55 -13.54
CA ASN D 94 11.17 25.96 -12.87
C ASN D 94 12.19 26.45 -13.90
N GLY D 95 12.34 27.77 -13.95
CA GLY D 95 13.29 28.36 -14.87
C GLY D 95 12.63 28.79 -16.18
N ARG D 96 13.25 29.80 -16.81
CA ARG D 96 12.69 30.41 -18.02
C ARG D 96 12.42 29.37 -19.11
N ILE D 97 13.39 28.49 -19.36
CA ILE D 97 13.28 27.49 -20.41
C ILE D 97 12.13 26.52 -20.15
N ALA D 98 11.70 26.38 -18.89
CA ALA D 98 10.58 25.53 -18.55
C ALA D 98 9.26 26.28 -18.50
N HIS D 99 9.23 27.52 -19.03
CA HIS D 99 8.04 28.37 -19.14
C HIS D 99 7.69 29.10 -17.83
N GLN D 100 8.65 29.31 -16.93
CA GLN D 100 8.42 30.06 -15.70
C GLN D 100 8.79 31.54 -15.87
N VAL D 101 7.84 32.43 -15.58
CA VAL D 101 8.04 33.87 -15.75
C VAL D 101 8.23 34.57 -14.40
N VAL D 102 7.36 34.29 -13.42
CA VAL D 102 7.45 34.88 -12.09
C VAL D 102 8.25 33.94 -11.19
N ASP D 103 9.29 34.47 -10.57
CA ASP D 103 10.23 33.68 -9.76
C ASP D 103 9.76 33.46 -8.31
N HIS D 104 8.48 33.12 -8.15
CA HIS D 104 7.90 32.60 -6.91
C HIS D 104 7.12 31.34 -7.27
N VAL D 105 7.48 30.21 -6.65
CA VAL D 105 6.85 28.93 -6.95
C VAL D 105 5.34 29.08 -7.01
N HIS D 106 4.75 28.68 -8.12
CA HIS D 106 3.30 28.68 -8.25
C HIS D 106 2.87 27.43 -9.02
N PHE D 107 1.81 26.80 -8.53
CA PHE D 107 1.21 25.65 -9.18
C PHE D 107 0.00 26.11 -9.98
N HIS D 108 -0.16 25.55 -11.17
CA HIS D 108 -1.35 25.81 -11.99
C HIS D 108 -2.31 24.64 -11.86
N LEU D 109 -3.57 24.94 -11.54
CA LEU D 109 -4.67 23.99 -11.65
C LEU D 109 -5.46 24.39 -12.89
N ILE D 110 -5.34 23.61 -13.96
CA ILE D 110 -5.88 24.04 -15.25
C ILE D 110 -6.94 23.06 -15.74
N PRO D 111 -8.21 23.45 -15.75
CA PRO D 111 -9.25 22.57 -16.31
C PRO D 111 -9.02 22.29 -17.79
N LYS D 112 -9.34 21.07 -18.21
CA LYS D 112 -9.15 20.68 -19.61
C LYS D 112 -10.49 20.27 -20.21
N LYS D 113 -11.19 21.25 -20.80
CA LYS D 113 -12.54 21.01 -21.30
C LYS D 113 -12.59 20.62 -22.78
N ASP D 114 -11.55 20.96 -23.53
CA ASP D 114 -11.47 20.66 -24.95
C ASP D 114 -10.00 20.75 -25.35
N GLU D 115 -9.73 20.68 -26.64
CA GLU D 115 -8.35 20.70 -27.13
C GLU D 115 -7.80 22.10 -27.36
N ALA D 116 -8.65 23.10 -27.60
CA ALA D 116 -8.15 24.43 -27.93
C ALA D 116 -7.73 25.20 -26.68
N THR D 117 -8.38 24.96 -25.56
CA THR D 117 -8.06 25.64 -24.32
C THR D 117 -7.29 24.69 -23.39
N GLY D 118 -6.97 25.21 -22.21
CA GLY D 118 -6.27 24.42 -21.23
C GLY D 118 -4.83 24.20 -21.65
N LEU D 119 -4.16 23.35 -20.89
CA LEU D 119 -2.76 23.05 -21.17
C LEU D 119 -2.65 22.23 -22.45
N GLY D 120 -1.70 22.62 -23.31
CA GLY D 120 -1.31 21.80 -24.44
C GLY D 120 0.00 21.10 -24.09
N VAL D 121 -0.03 19.78 -24.14
CA VAL D 121 1.10 18.95 -23.74
C VAL D 121 1.90 18.58 -24.99
N GLY D 122 3.11 19.11 -25.12
CA GLY D 122 4.07 18.59 -26.08
C GLY D 122 4.89 17.50 -25.41
N TRP D 123 4.98 16.34 -26.07
CA TRP D 123 5.50 15.13 -25.43
C TRP D 123 6.48 14.43 -26.37
N PRO D 124 7.71 14.93 -26.47
CA PRO D 124 8.66 14.34 -27.43
C PRO D 124 9.38 13.13 -26.86
N ALA D 125 8.89 11.95 -27.22
CA ALA D 125 9.53 10.71 -26.79
C ALA D 125 11.00 10.69 -27.17
N GLU D 126 11.83 10.23 -26.24
CA GLU D 126 13.26 10.16 -26.43
C GLU D 126 13.67 8.69 -26.51
N ALA D 127 14.26 8.31 -27.63
CA ALA D 127 14.84 6.98 -27.81
C ALA D 127 15.70 6.60 -26.63
N THR D 128 15.37 5.48 -25.99
CA THR D 128 16.15 5.00 -24.86
C THR D 128 16.19 3.48 -24.83
N ASP D 129 16.88 2.98 -23.82
CA ASP D 129 17.40 1.63 -23.81
C ASP D 129 17.48 1.14 -22.37
N PHE D 130 17.37 -0.18 -22.18
CA PHE D 130 17.53 -0.69 -20.81
C PHE D 130 18.99 -0.58 -20.35
N ASP D 131 19.96 -0.62 -21.27
CA ASP D 131 21.34 -0.33 -20.89
C ASP D 131 21.47 1.10 -20.39
N LYS D 132 20.96 2.07 -21.16
CA LYS D 132 21.05 3.48 -20.78
C LYS D 132 20.24 3.77 -19.52
N LEU D 133 19.04 3.20 -19.40
CA LEU D 133 18.27 3.38 -18.18
C LEU D 133 18.99 2.79 -16.99
N GLY D 134 19.60 1.61 -17.16
CA GLY D 134 20.31 0.96 -16.06
C GLY D 134 21.52 1.74 -15.57
N LYS D 135 22.33 2.27 -16.51
CA LYS D 135 23.50 3.04 -16.10
C LYS D 135 23.09 4.37 -15.51
N LEU D 136 22.02 4.96 -16.03
CA LEU D 136 21.48 6.16 -15.42
C LEU D 136 20.96 5.87 -14.03
N HIS D 137 20.34 4.69 -13.86
CA HIS D 137 19.76 4.35 -12.57
C HIS D 137 20.84 4.10 -11.52
N GLU D 138 21.98 3.55 -11.93
CA GLU D 138 23.07 3.37 -10.99
C GLU D 138 23.67 4.72 -10.60
N LYS D 139 23.77 5.66 -11.54
CA LYS D 139 24.32 6.96 -11.23
C LYS D 139 23.43 7.73 -10.26
N LEU D 140 22.10 7.65 -10.44
CA LEU D 140 21.19 8.35 -9.53
C LEU D 140 21.13 7.69 -8.16
N LYS D 141 21.29 6.37 -8.09
CA LYS D 141 21.32 5.70 -6.79
C LYS D 141 22.52 6.15 -5.96
N GLU D 142 23.71 6.23 -6.58
CA GLU D 142 24.89 6.73 -5.87
C GLU D 142 24.59 8.11 -5.27
N GLU D 143 24.01 8.98 -6.07
CA GLU D 143 23.68 10.32 -5.60
C GLU D 143 22.65 10.27 -4.48
N LEU D 144 21.66 9.38 -4.58
CA LEU D 144 20.67 9.24 -3.52
C LEU D 144 21.33 8.80 -2.20
N ALA D 145 22.32 7.91 -2.28
CA ALA D 145 23.03 7.48 -1.08
C ALA D 145 23.75 8.65 -0.41
N LYS D 146 24.28 9.59 -1.21
CA LYS D 146 24.95 10.76 -0.63
C LYS D 146 23.93 11.73 -0.02
N VAL D 147 22.78 11.91 -0.66
CA VAL D 147 21.76 12.79 -0.11
C VAL D 147 21.29 12.30 1.25
N ASP D 148 21.36 10.98 1.49
CA ASP D 148 20.88 10.35 2.73
C ASP D 148 21.96 10.34 3.83
#